data_4EHT
#
_entry.id   4EHT
#
_cell.length_a   66.154
_cell.length_b   161.005
_cell.length_c   63.576
_cell.angle_alpha   90.00
_cell.angle_beta   110.75
_cell.angle_gamma   90.00
#
_symmetry.space_group_name_H-M   'C 1 2 1'
#
loop_
_entity.id
_entity.type
_entity.pdbx_description
1 polymer 'Activator of 2-hydroxyisocaproyl-CoA dehydratase'
2 non-polymer 'IRON/SULFUR CLUSTER'
3 non-polymer "ADENOSINE-5'-DIPHOSPHATE"
4 non-polymer 'MAGNESIUM ION'
5 non-polymer 'ACETATE ION'
6 non-polymer 'CHLORIDE ION'
7 non-polymer 'AMMONIUM ION'
8 water water
#
_entity_poly.entity_id   1
_entity_poly.type   'polypeptide(L)'
_entity_poly.pdbx_seq_one_letter_code
;MYTMGLDIGSTASKGVILKNGEDIVASETISSGTGTTGPSRVLEKLYGKTGLAREDIKKVVVTGYGRMNYSDADKQISEL
SCHARGVNFIIPETRTIIDIGGQDAKVLKLDNNGRLLNFLMNDKCAAGTGRFLDVMAKIIEVDVSELGSISMNSQNEVSI
SSTCTVFAESEVISHLSENAKIEDIVAGIHTSVAKRVSSLVKRIGVQRNVVMVGGVARNSGIVRAMAREINTEIIVPDIP
QLTGALGAALYAFDEAKESQKEVKNISAWSHPQFEK
;
_entity_poly.pdbx_strand_id   A,B
#
loop_
_chem_comp.id
_chem_comp.type
_chem_comp.name
_chem_comp.formula
ACT non-polymer 'ACETATE ION' 'C2 H3 O2 -1'
ADP non-polymer ADENOSINE-5'-DIPHOSPHATE 'C10 H15 N5 O10 P2'
CL non-polymer 'CHLORIDE ION' 'Cl -1'
MG non-polymer 'MAGNESIUM ION' 'Mg 2'
NH4 non-polymer 'AMMONIUM ION' 'H4 N 1'
SF4 non-polymer 'IRON/SULFUR CLUSTER' 'Fe4 S4'
#
# COMPACT_ATOMS: atom_id res chain seq x y z
N MET A 1 -32.95 32.58 -5.69
CA MET A 1 -32.68 31.32 -6.42
C MET A 1 -31.79 30.41 -5.58
N TYR A 2 -31.91 29.12 -5.82
CA TYR A 2 -31.06 28.15 -5.16
C TYR A 2 -30.34 27.34 -6.22
N THR A 3 -29.09 26.99 -5.95
CA THR A 3 -28.39 26.04 -6.80
C THR A 3 -27.86 24.93 -5.89
N MET A 4 -27.47 23.80 -6.46
CA MET A 4 -26.98 22.69 -5.68
C MET A 4 -25.66 22.12 -6.24
N GLY A 5 -24.75 21.76 -5.34
CA GLY A 5 -23.52 21.10 -5.75
C GLY A 5 -23.44 19.76 -5.05
N LEU A 6 -23.08 18.72 -5.81
CA LEU A 6 -22.90 17.38 -5.26
C LEU A 6 -21.48 16.92 -5.56
N ASP A 7 -20.79 16.40 -4.56
CA ASP A 7 -19.42 15.95 -4.73
C ASP A 7 -19.45 14.49 -4.31
N ILE A 8 -19.44 13.59 -5.30
CA ILE A 8 -19.49 12.16 -5.05
C ILE A 8 -18.11 11.56 -5.21
N GLY A 9 -17.41 11.37 -4.09
CA GLY A 9 -16.10 10.73 -4.11
C GLY A 9 -16.21 9.22 -3.95
N SER A 10 -15.07 8.54 -3.89
CA SER A 10 -15.11 7.09 -3.74
C SER A 10 -15.29 6.70 -2.27
N THR A 11 -15.21 7.67 -1.36
CA THR A 11 -15.38 7.38 0.06
C THR A 11 -16.62 8.04 0.66
N ALA A 12 -16.90 9.29 0.27
CA ALA A 12 -17.98 10.05 0.88
C ALA A 12 -18.75 10.88 -0.17
N SER A 13 -20.04 11.06 0.07
CA SER A 13 -20.87 11.92 -0.78
C SER A 13 -21.19 13.20 -0.02
N LYS A 14 -21.03 14.35 -0.69
CA LYS A 14 -21.18 15.65 -0.04
C LYS A 14 -22.10 16.52 -0.87
N GLY A 15 -22.99 17.25 -0.22
CA GLY A 15 -23.93 18.12 -0.91
C GLY A 15 -24.01 19.49 -0.25
N VAL A 16 -24.30 20.50 -1.06
CA VAL A 16 -24.47 21.87 -0.59
C VAL A 16 -25.65 22.51 -1.35
N ILE A 17 -26.53 23.20 -0.65
CA ILE A 17 -27.53 24.05 -1.32
C ILE A 17 -27.13 25.49 -1.05
N LEU A 18 -26.99 26.28 -2.11
CA LEU A 18 -26.46 27.63 -2.02
C LEU A 18 -27.54 28.63 -2.45
N LYS A 19 -27.74 29.67 -1.64
CA LYS A 19 -28.76 30.67 -1.95
C LYS A 19 -28.12 31.88 -2.61
N ASN A 20 -28.61 32.20 -3.81
CA ASN A 20 -28.18 33.38 -4.53
C ASN A 20 -26.66 33.48 -4.58
N GLY A 21 -26.03 32.32 -4.73
CA GLY A 21 -24.59 32.25 -4.91
C GLY A 21 -23.76 32.77 -3.74
N GLU A 22 -24.33 32.87 -2.56
CA GLU A 22 -23.62 33.49 -1.42
C GLU A 22 -23.77 32.79 -0.08
N ASP A 23 -24.97 32.32 0.27
CA ASP A 23 -25.18 31.70 1.58
C ASP A 23 -25.44 30.22 1.46
N ILE A 24 -24.63 29.42 2.15
CA ILE A 24 -24.92 27.99 2.27
C ILE A 24 -26.11 27.86 3.19
N VAL A 25 -27.22 27.32 2.66
CA VAL A 25 -28.43 27.13 3.45
C VAL A 25 -28.55 25.69 3.95
N ALA A 26 -27.83 24.77 3.30
CA ALA A 26 -27.81 23.38 3.75
C ALA A 26 -26.55 22.70 3.26
N SER A 27 -26.00 21.82 4.09
CA SER A 27 -24.83 21.02 3.72
C SER A 27 -24.95 19.65 4.37
N GLU A 28 -24.33 18.64 3.77
CA GLU A 28 -24.51 17.29 4.25
C GLU A 28 -23.41 16.36 3.72
N THR A 29 -22.82 15.59 4.63
CA THR A 29 -21.84 14.58 4.25
C THR A 29 -22.37 13.24 4.66
N ILE A 30 -22.29 12.28 3.75
CA ILE A 30 -22.68 10.91 4.06
C ILE A 30 -21.48 10.04 3.70
N SER A 31 -21.04 9.22 4.65
CA SER A 31 -19.83 8.41 4.48
C SER A 31 -20.03 7.21 3.58
N SER A 32 -20.81 7.37 2.52
CA SER A 32 -20.88 6.37 1.46
C SER A 32 -20.76 7.09 0.13
N GLY A 33 -19.87 6.61 -0.75
CA GLY A 33 -19.57 7.32 -1.97
C GLY A 33 -20.18 6.68 -3.21
N THR A 34 -19.40 6.69 -4.28
CA THR A 34 -19.78 6.02 -5.53
C THR A 34 -19.43 4.53 -5.37
N GLY A 35 -20.37 3.63 -5.64
CA GLY A 35 -21.74 3.93 -5.99
C GLY A 35 -22.64 3.21 -5.01
N THR A 36 -23.04 3.92 -3.98
CA THR A 36 -23.83 3.37 -2.89
C THR A 36 -25.11 4.15 -2.81
N THR A 37 -25.82 4.04 -1.70
CA THR A 37 -27.02 4.83 -1.49
C THR A 37 -26.64 6.23 -1.01
N GLY A 38 -25.35 6.55 -1.10
CA GLY A 38 -24.81 7.76 -0.48
C GLY A 38 -25.39 9.04 -1.05
N PRO A 39 -25.28 9.22 -2.37
CA PRO A 39 -25.82 10.41 -3.02
C PRO A 39 -27.31 10.62 -2.74
N SER A 40 -28.11 9.55 -2.78
CA SER A 40 -29.55 9.67 -2.56
C SER A 40 -29.87 10.22 -1.18
N ARG A 41 -29.16 9.74 -0.17
CA ARG A 41 -29.42 10.14 1.21
C ARG A 41 -28.89 11.54 1.50
N VAL A 42 -27.89 11.97 0.75
CA VAL A 42 -27.45 13.35 0.83
C VAL A 42 -28.58 14.26 0.32
N LEU A 43 -29.22 13.86 -0.78
CA LEU A 43 -30.30 14.66 -1.34
C LEU A 43 -31.47 14.71 -0.37
N GLU A 44 -31.85 13.55 0.17
CA GLU A 44 -32.90 13.49 1.19
C GLU A 44 -32.65 14.48 2.32
N LYS A 45 -31.40 14.58 2.77
CA LYS A 45 -31.07 15.42 3.92
C LYS A 45 -31.07 16.91 3.57
N LEU A 46 -30.67 17.23 2.35
CA LEU A 46 -30.65 18.63 1.92
C LEU A 46 -32.07 19.13 1.74
N TYR A 47 -32.88 18.34 1.05
CA TYR A 47 -34.27 18.70 0.77
C TYR A 47 -35.05 18.70 2.06
N GLY A 48 -34.91 17.62 2.82
CA GLY A 48 -35.58 17.47 4.10
C GLY A 48 -35.32 18.65 5.03
N LYS A 49 -34.05 19.05 5.12
CA LYS A 49 -33.67 20.09 6.07
C LYS A 49 -34.06 21.49 5.60
N THR A 50 -34.23 21.67 4.30
CA THR A 50 -34.58 22.98 3.76
C THR A 50 -36.05 23.01 3.34
N GLY A 51 -36.72 21.87 3.41
CA GLY A 51 -38.08 21.76 2.94
C GLY A 51 -38.23 22.02 1.46
N LEU A 52 -37.12 22.21 0.77
CA LEU A 52 -37.15 22.41 -0.68
C LEU A 52 -37.32 21.07 -1.37
N ALA A 53 -37.61 21.12 -2.67
CA ALA A 53 -37.71 19.93 -3.49
C ALA A 53 -36.98 20.21 -4.79
N ARG A 54 -36.71 19.17 -5.57
CA ARG A 54 -35.95 19.31 -6.80
C ARG A 54 -36.38 20.51 -7.63
N GLU A 55 -37.66 20.86 -7.56
CA GLU A 55 -38.21 21.90 -8.42
C GLU A 55 -37.67 23.28 -8.07
N ASP A 56 -37.34 23.49 -6.80
CA ASP A 56 -36.88 24.79 -6.33
C ASP A 56 -35.41 25.06 -6.70
N ILE A 57 -34.73 24.04 -7.21
CA ILE A 57 -33.31 24.16 -7.53
C ILE A 57 -33.14 24.53 -9.00
N LYS A 58 -32.58 25.71 -9.25
CA LYS A 58 -32.45 26.23 -10.61
C LYS A 58 -31.37 25.53 -11.42
N LYS A 59 -30.23 25.23 -10.79
CA LYS A 59 -29.18 24.50 -11.49
C LYS A 59 -28.48 23.57 -10.51
N VAL A 60 -28.12 22.39 -10.99
CA VAL A 60 -27.41 21.39 -10.20
C VAL A 60 -26.13 21.00 -10.93
N VAL A 61 -25.02 20.99 -10.20
CA VAL A 61 -23.75 20.52 -10.74
C VAL A 61 -23.20 19.39 -9.87
N VAL A 62 -22.63 18.38 -10.52
N VAL A 62 -22.63 18.38 -10.52
CA VAL A 62 -22.04 17.23 -9.84
CA VAL A 62 -22.03 17.26 -9.82
C VAL A 62 -20.56 17.12 -10.15
C VAL A 62 -20.54 17.19 -10.14
N THR A 63 -19.75 16.81 -9.14
CA THR A 63 -18.31 16.70 -9.31
C THR A 63 -17.86 15.39 -8.62
N GLY A 64 -16.57 15.10 -8.68
CA GLY A 64 -16.01 13.97 -7.96
C GLY A 64 -16.01 12.71 -8.78
N TYR A 65 -15.33 11.68 -8.28
CA TYR A 65 -15.31 10.37 -8.91
C TYR A 65 -16.70 9.76 -8.82
N GLY A 66 -17.47 9.88 -9.90
CA GLY A 66 -18.85 9.43 -9.88
C GLY A 66 -19.80 10.49 -10.37
N ARG A 67 -19.25 11.66 -10.73
CA ARG A 67 -20.04 12.71 -11.38
C ARG A 67 -20.62 12.18 -12.68
N MET A 68 -19.77 11.59 -13.52
CA MET A 68 -20.24 10.75 -14.61
C MET A 68 -20.84 9.63 -13.81
N ASN A 69 -21.86 8.96 -14.33
CA ASN A 69 -22.58 7.97 -13.56
C ASN A 69 -23.63 8.63 -12.67
N TYR A 70 -23.72 9.96 -12.71
CA TYR A 70 -24.80 10.64 -12.02
C TYR A 70 -25.69 11.41 -12.98
N SER A 71 -26.88 10.87 -13.21
CA SER A 71 -27.90 11.55 -13.99
C SER A 71 -29.11 11.86 -13.11
N ASP A 72 -29.57 13.12 -13.16
CA ASP A 72 -28.88 14.09 -13.98
C ASP A 72 -28.77 15.49 -13.40
N ALA A 73 -27.66 16.10 -13.76
CA ALA A 73 -27.27 17.38 -13.31
C ALA A 73 -27.14 18.23 -14.55
N ASP A 74 -27.17 19.54 -14.38
CA ASP A 74 -27.03 20.44 -15.50
C ASP A 74 -25.61 20.38 -16.03
N LYS A 75 -24.66 20.11 -15.15
CA LYS A 75 -23.28 19.96 -15.57
C LYS A 75 -22.54 19.04 -14.64
N GLN A 76 -21.54 18.35 -15.18
CA GLN A 76 -20.57 17.62 -14.40
C GLN A 76 -19.23 18.29 -14.62
N ILE A 77 -18.53 18.62 -13.53
CA ILE A 77 -17.33 19.43 -13.64
C ILE A 77 -16.19 18.80 -12.81
N SER A 78 -14.96 18.93 -13.32
CA SER A 78 -13.77 18.45 -12.64
C SER A 78 -13.80 18.80 -11.15
N GLU A 79 -13.40 17.86 -10.30
CA GLU A 79 -13.27 18.17 -8.88
C GLU A 79 -12.09 19.09 -8.62
N LEU A 80 -11.09 19.11 -9.49
CA LEU A 80 -10.00 20.07 -9.34
C LEU A 80 -10.59 21.47 -9.43
N SER A 81 -11.36 21.71 -10.46
CA SER A 81 -11.95 23.03 -10.65
C SER A 81 -12.89 23.34 -9.50
N CYS A 82 -13.67 22.37 -9.08
CA CYS A 82 -14.65 22.62 -8.02
C CYS A 82 -13.98 22.93 -6.68
N HIS A 83 -12.94 22.20 -6.28
CA HIS A 83 -12.31 22.53 -5.00
C HIS A 83 -11.67 23.91 -5.05
N ALA A 84 -11.05 24.25 -6.18
CA ALA A 84 -10.41 25.55 -6.35
C ALA A 84 -11.44 26.68 -6.19
N ARG A 85 -12.58 26.52 -6.86
CA ARG A 85 -13.66 27.53 -6.85
C ARG A 85 -14.20 27.68 -5.41
N GLY A 86 -14.48 26.55 -4.76
CA GLY A 86 -15.03 26.59 -3.41
C GLY A 86 -14.05 27.21 -2.40
N VAL A 87 -12.79 26.86 -2.52
CA VAL A 87 -11.78 27.40 -1.60
C VAL A 87 -11.59 28.91 -1.82
N ASN A 88 -11.47 29.31 -3.08
CA ASN A 88 -11.26 30.72 -3.40
C ASN A 88 -12.45 31.57 -2.95
N PHE A 89 -13.61 30.92 -2.83
CA PHE A 89 -14.80 31.62 -2.36
C PHE A 89 -14.69 31.95 -0.88
N ILE A 90 -14.00 31.08 -0.16
CA ILE A 90 -13.92 31.19 1.29
C ILE A 90 -12.64 31.88 1.74
N ILE A 91 -11.53 31.59 1.07
CA ILE A 91 -10.21 32.02 1.49
C ILE A 91 -9.47 32.69 0.34
N PRO A 92 -9.39 34.02 0.36
CA PRO A 92 -8.72 34.76 -0.70
C PRO A 92 -7.21 34.55 -0.72
N GLU A 93 -6.60 34.78 -1.88
CA GLU A 93 -5.17 34.66 -2.06
C GLU A 93 -4.68 33.21 -1.89
N THR A 94 -5.53 32.23 -2.13
CA THR A 94 -5.07 30.82 -2.03
C THR A 94 -4.26 30.47 -3.28
N ARG A 95 -3.08 29.89 -3.07
CA ARG A 95 -2.21 29.52 -4.19
C ARG A 95 -1.84 28.02 -4.16
N THR A 96 -2.02 27.37 -3.02
CA THR A 96 -1.74 25.94 -2.91
C THR A 96 -2.91 25.26 -2.20
N ILE A 97 -3.46 24.23 -2.82
CA ILE A 97 -4.55 23.47 -2.22
C ILE A 97 -4.13 22.02 -2.05
N ILE A 98 -4.31 21.51 -0.83
CA ILE A 98 -3.93 20.13 -0.52
C ILE A 98 -5.22 19.41 -0.19
N ASP A 99 -5.62 18.46 -1.02
CA ASP A 99 -6.88 17.75 -0.84
C ASP A 99 -6.52 16.32 -0.45
N ILE A 100 -6.70 15.96 0.82
CA ILE A 100 -6.43 14.58 1.23
C ILE A 100 -7.77 13.89 1.43
N GLY A 101 -8.10 12.95 0.55
CA GLY A 101 -9.37 12.25 0.65
C GLY A 101 -9.22 10.82 1.11
N GLY A 102 -10.25 10.02 0.86
CA GLY A 102 -10.31 8.66 1.38
C GLY A 102 -9.31 7.73 0.72
N GLN A 103 -8.94 8.00 -0.52
CA GLN A 103 -8.11 7.07 -1.27
C GLN A 103 -7.03 7.75 -2.10
N ASP A 104 -6.92 9.06 -1.98
CA ASP A 104 -5.80 9.71 -2.66
C ASP A 104 -5.48 11.06 -2.05
N ALA A 105 -4.37 11.64 -2.47
CA ALA A 105 -4.00 12.98 -2.04
C ALA A 105 -3.60 13.77 -3.26
N LYS A 106 -4.02 15.02 -3.32
CA LYS A 106 -3.81 15.87 -4.49
C LYS A 106 -3.20 17.19 -4.02
N VAL A 107 -2.26 17.76 -4.76
CA VAL A 107 -1.79 19.12 -4.50
C VAL A 107 -2.01 19.95 -5.78
N LEU A 108 -2.75 21.05 -5.63
CA LEU A 108 -3.03 21.97 -6.72
C LEU A 108 -2.25 23.25 -6.52
N LYS A 109 -1.59 23.72 -7.56
CA LYS A 109 -1.03 25.05 -7.52
C LYS A 109 -1.88 25.93 -8.42
N LEU A 110 -2.27 27.09 -7.93
CA LEU A 110 -3.21 27.96 -8.66
C LEU A 110 -2.53 29.26 -9.04
N ASP A 111 -2.97 29.89 -10.13
CA ASP A 111 -2.44 31.20 -10.46
C ASP A 111 -3.24 32.24 -9.67
N ASN A 112 -3.09 33.50 -10.03
CA ASN A 112 -3.71 34.59 -9.29
C ASN A 112 -5.21 34.73 -9.60
N ASN A 113 -5.68 34.01 -10.62
CA ASN A 113 -7.09 34.00 -10.94
C ASN A 113 -7.78 32.76 -10.40
N GLY A 114 -7.06 31.97 -9.62
CA GLY A 114 -7.64 30.73 -9.12
C GLY A 114 -7.61 29.60 -10.13
N ARG A 115 -6.86 29.76 -11.21
CA ARG A 115 -6.72 28.73 -12.26
C ARG A 115 -5.57 27.76 -12.03
N LEU A 116 -5.78 26.49 -12.36
CA LEU A 116 -4.74 25.49 -12.10
C LEU A 116 -3.47 25.75 -12.91
N LEU A 117 -2.33 25.87 -12.21
CA LEU A 117 -1.00 26.03 -12.81
C LEU A 117 -0.16 24.75 -12.81
N ASN A 118 -0.36 23.91 -11.81
CA ASN A 118 0.42 22.69 -11.68
C ASN A 118 -0.36 21.77 -10.77
N PHE A 119 -0.02 20.50 -10.76
CA PHE A 119 -0.86 19.50 -10.11
C PHE A 119 -0.02 18.25 -9.89
N LEU A 120 -0.16 17.65 -8.71
CA LEU A 120 0.42 16.35 -8.42
C LEU A 120 -0.56 15.53 -7.60
N MET A 121 -0.60 14.22 -7.83
CA MET A 121 -1.55 13.37 -7.14
C MET A 121 -0.97 11.99 -6.87
N ASN A 122 -1.11 11.51 -5.64
N ASN A 122 -1.14 11.51 -5.64
CA ASN A 122 -0.90 10.09 -5.35
CA ASN A 122 -0.85 10.12 -5.30
C ASN A 122 -2.25 9.44 -5.34
C ASN A 122 -2.21 9.38 -5.27
N ASP A 123 -2.47 8.52 -6.24
CA ASP A 123 -3.73 7.79 -6.25
C ASP A 123 -3.54 6.28 -6.49
N LYS A 124 -2.31 5.79 -6.33
CA LYS A 124 -2.06 4.35 -6.49
C LYS A 124 -1.77 3.63 -5.18
N CYS A 125 -1.45 4.38 -4.14
CA CYS A 125 -0.89 3.81 -2.92
C CYS A 125 -1.72 4.30 -1.74
N ALA A 126 -2.12 3.38 -0.86
CA ALA A 126 -3.00 3.77 0.25
C ALA A 126 -2.29 4.62 1.30
N ALA A 127 -0.95 4.57 1.36
CA ALA A 127 -0.21 5.44 2.30
C ALA A 127 -0.44 6.92 1.97
N GLY A 128 -0.47 7.78 2.98
CA GLY A 128 -0.62 9.20 2.75
C GLY A 128 -2.02 9.56 2.30
N THR A 129 -3.00 8.75 2.67
CA THR A 129 -4.41 9.02 2.35
C THR A 129 -5.24 8.66 3.57
N GLY A 130 -6.53 8.98 3.52
CA GLY A 130 -7.47 8.61 4.56
C GLY A 130 -7.54 7.12 4.85
N ARG A 131 -7.28 6.28 3.84
CA ARG A 131 -7.34 4.84 4.02
C ARG A 131 -6.31 4.38 5.04
N PHE A 132 -5.12 4.96 4.97
CA PHE A 132 -4.06 4.65 5.94
C PHE A 132 -4.56 4.94 7.36
N LEU A 133 -5.23 6.07 7.52
CA LEU A 133 -5.71 6.48 8.84
C LEU A 133 -6.86 5.60 9.28
N ASP A 134 -7.71 5.23 8.33
CA ASP A 134 -8.86 4.38 8.60
C ASP A 134 -8.39 3.00 9.07
N VAL A 135 -7.40 2.44 8.37
CA VAL A 135 -6.77 1.18 8.80
C VAL A 135 -6.13 1.26 10.19
N MET A 136 -5.38 2.32 10.45
CA MET A 136 -4.70 2.47 11.75
C MET A 136 -5.69 2.68 12.92
N ALA A 137 -6.72 3.46 12.66
CA ALA A 137 -7.72 3.76 13.70
C ALA A 137 -8.43 2.48 14.09
N LYS A 138 -8.74 1.64 13.10
CA LYS A 138 -9.30 0.32 13.38
C LYS A 138 -8.38 -0.48 14.29
N ILE A 139 -7.09 -0.44 14.02
CA ILE A 139 -6.13 -1.24 14.77
C ILE A 139 -5.97 -0.76 16.21
N ILE A 140 -5.90 0.56 16.40
CA ILE A 140 -5.72 1.10 17.74
C ILE A 140 -7.05 1.22 18.47
N GLU A 141 -8.13 0.86 17.77
CA GLU A 141 -9.47 0.89 18.35
C GLU A 141 -9.84 2.28 18.83
N VAL A 142 -9.88 3.20 17.88
CA VAL A 142 -10.24 4.59 18.10
C VAL A 142 -10.98 5.05 16.85
N ASP A 143 -11.92 5.97 17.01
CA ASP A 143 -12.60 6.55 15.85
C ASP A 143 -11.64 7.51 15.18
N VAL A 144 -11.69 7.59 13.85
CA VAL A 144 -10.79 8.48 13.11
C VAL A 144 -11.03 9.93 13.52
N SER A 145 -12.24 10.22 13.98
CA SER A 145 -12.58 11.58 14.42
C SER A 145 -11.90 11.96 15.76
N GLU A 146 -11.35 10.95 16.44
CA GLU A 146 -10.71 11.16 17.74
C GLU A 146 -9.20 11.37 17.65
N LEU A 147 -8.61 10.99 16.51
CA LEU A 147 -7.15 10.97 16.34
C LEU A 147 -6.50 12.33 16.57
N GLY A 148 -7.11 13.40 16.07
CA GLY A 148 -6.53 14.74 16.20
C GLY A 148 -6.36 15.12 17.65
N SER A 149 -7.40 14.93 18.44
CA SER A 149 -7.38 15.35 19.85
C SER A 149 -6.39 14.51 20.66
N ILE A 150 -6.37 13.21 20.40
CA ILE A 150 -5.44 12.31 21.06
C ILE A 150 -3.99 12.71 20.80
N SER A 151 -3.67 13.05 19.56
CA SER A 151 -2.27 13.31 19.20
C SER A 151 -1.73 14.56 19.91
N MET A 152 -2.63 15.46 20.32
CA MET A 152 -2.23 16.67 21.03
C MET A 152 -1.40 16.41 22.29
N ASN A 153 -1.65 15.29 22.95
CA ASN A 153 -0.95 14.95 24.20
C ASN A 153 0.42 14.28 23.99
N SER A 154 0.81 14.11 22.73
CA SER A 154 2.07 13.44 22.42
C SER A 154 3.26 14.29 22.84
N GLN A 155 4.22 13.70 23.52
CA GLN A 155 5.45 14.39 23.84
C GLN A 155 6.66 13.68 23.23
N ASN A 156 6.51 12.40 22.90
CA ASN A 156 7.61 11.64 22.29
C ASN A 156 7.08 10.67 21.24
N GLU A 157 6.84 11.22 20.06
CA GLU A 157 6.28 10.46 18.96
C GLU A 157 7.00 9.12 18.76
N VAL A 158 6.24 8.07 18.55
CA VAL A 158 6.79 6.78 18.16
C VAL A 158 6.88 6.74 16.64
N SER A 159 8.10 6.75 16.14
CA SER A 159 8.33 6.89 14.73
C SER A 159 7.99 5.57 14.03
N ILE A 160 7.53 5.67 12.81
CA ILE A 160 7.21 4.50 11.99
C ILE A 160 8.26 4.48 10.90
N SER A 161 9.02 3.40 10.77
CA SER A 161 10.05 3.42 9.76
C SER A 161 9.49 3.06 8.36
N SER A 162 8.44 2.24 8.30
CA SER A 162 7.89 1.79 6.99
C SER A 162 7.05 2.87 6.33
N THR A 163 7.20 3.08 5.03
CA THR A 163 6.28 3.98 4.32
C THR A 163 4.99 3.25 3.86
N CYS A 164 5.03 1.93 3.77
CA CYS A 164 3.90 1.11 3.30
C CYS A 164 2.84 0.95 4.38
N THR A 165 1.57 1.12 4.01
CA THR A 165 0.48 0.97 4.97
C THR A 165 0.52 -0.40 5.65
N VAL A 166 0.76 -1.45 4.88
CA VAL A 166 0.76 -2.80 5.41
C VAL A 166 1.92 -3.01 6.40
N PHE A 167 3.12 -2.61 6.02
CA PHE A 167 4.26 -2.83 6.90
C PHE A 167 4.17 -1.94 8.14
N ALA A 168 3.70 -0.71 7.96
CA ALA A 168 3.50 0.24 9.06
C ALA A 168 2.50 -0.31 10.05
N GLU A 169 1.47 -0.98 9.55
CA GLU A 169 0.45 -1.60 10.40
C GLU A 169 1.09 -2.60 11.38
N SER A 170 2.03 -3.39 10.90
CA SER A 170 2.74 -4.32 11.78
C SER A 170 3.54 -3.58 12.86
N GLU A 171 4.14 -2.45 12.51
CA GLU A 171 4.89 -1.68 13.51
C GLU A 171 3.97 -1.14 14.60
N VAL A 172 2.80 -0.65 14.19
CA VAL A 172 1.86 -0.08 15.15
C VAL A 172 1.38 -1.17 16.10
N ILE A 173 1.03 -2.33 15.54
CA ILE A 173 0.60 -3.48 16.33
C ILE A 173 1.66 -3.86 17.35
N SER A 174 2.92 -3.81 16.94
CA SER A 174 4.02 -4.11 17.87
C SER A 174 4.07 -3.06 18.99
N HIS A 175 3.98 -1.79 18.63
CA HIS A 175 3.97 -0.73 19.64
C HIS A 175 2.82 -0.89 20.65
N LEU A 176 1.63 -1.20 20.16
CA LEU A 176 0.49 -1.45 21.03
C LEU A 176 0.76 -2.59 22.01
N SER A 177 1.46 -3.63 21.55
CA SER A 177 1.74 -4.76 22.41
C SER A 177 2.77 -4.37 23.47
N GLU A 178 3.68 -3.48 23.09
CA GLU A 178 4.70 -2.99 24.03
C GLU A 178 4.14 -1.86 24.87
N ASN A 179 2.83 -1.65 24.80
CA ASN A 179 2.14 -0.65 25.61
C ASN A 179 2.68 0.78 25.46
N ALA A 180 3.22 1.10 24.28
CA ALA A 180 3.58 2.47 23.97
C ALA A 180 2.39 3.37 24.26
N LYS A 181 2.66 4.63 24.58
CA LYS A 181 1.61 5.60 24.87
C LYS A 181 0.79 5.85 23.62
N ILE A 182 -0.54 5.71 23.72
CA ILE A 182 -1.38 5.81 22.52
C ILE A 182 -1.20 7.16 21.82
N GLU A 183 -1.07 8.26 22.57
CA GLU A 183 -0.94 9.56 21.92
C GLU A 183 0.35 9.61 21.08
N ASP A 184 1.40 8.92 21.52
CA ASP A 184 2.66 8.91 20.76
C ASP A 184 2.57 8.01 19.54
N ILE A 185 1.80 6.93 19.63
CA ILE A 185 1.56 6.05 18.48
C ILE A 185 0.78 6.83 17.42
N VAL A 186 -0.27 7.50 17.86
CA VAL A 186 -1.08 8.33 16.94
C VAL A 186 -0.27 9.45 16.28
N ALA A 187 0.54 10.17 17.05
CA ALA A 187 1.43 11.19 16.48
C ALA A 187 2.33 10.61 15.38
N GLY A 188 2.83 9.39 15.56
CA GLY A 188 3.72 8.82 14.56
C GLY A 188 2.94 8.50 13.29
N ILE A 189 1.71 8.05 13.49
CA ILE A 189 0.78 7.78 12.38
C ILE A 189 0.54 9.05 11.58
N HIS A 190 0.35 10.17 12.28
CA HIS A 190 0.07 11.43 11.62
C HIS A 190 1.29 11.88 10.88
N THR A 191 2.45 11.64 11.49
CA THR A 191 3.69 12.04 10.85
C THR A 191 3.93 11.24 9.55
N SER A 192 3.57 9.96 9.52
CA SER A 192 3.75 9.17 8.29
C SER A 192 2.94 9.78 7.13
N VAL A 193 1.68 10.11 7.39
CA VAL A 193 0.83 10.71 6.35
C VAL A 193 1.43 12.05 5.88
N ALA A 194 1.82 12.90 6.83
CA ALA A 194 2.35 14.21 6.51
C ALA A 194 3.63 14.14 5.71
N LYS A 195 4.50 13.16 6.01
CA LYS A 195 5.74 13.04 5.25
C LYS A 195 5.42 12.73 3.78
N ARG A 196 4.47 11.82 3.56
N ARG A 196 4.51 11.77 3.58
CA ARG A 196 4.13 11.42 2.20
CA ARG A 196 4.08 11.41 2.23
C ARG A 196 3.42 12.52 1.42
C ARG A 196 3.59 12.69 1.53
N VAL A 197 2.52 13.26 2.06
CA VAL A 197 1.83 14.36 1.35
C VAL A 197 2.71 15.58 1.19
N SER A 198 3.47 15.90 2.23
CA SER A 198 4.36 17.05 2.16
C SER A 198 5.41 16.87 1.06
N SER A 199 5.80 15.64 0.75
CA SER A 199 6.75 15.43 -0.34
C SER A 199 6.15 15.95 -1.66
N LEU A 200 4.85 15.72 -1.87
CA LEU A 200 4.15 16.26 -3.05
C LEU A 200 4.18 17.79 -3.07
N VAL A 201 3.90 18.38 -1.90
CA VAL A 201 3.86 19.83 -1.80
C VAL A 201 5.22 20.42 -2.13
N LYS A 202 6.26 19.80 -1.61
CA LYS A 202 7.60 20.32 -1.78
C LYS A 202 8.03 20.22 -3.24
N ARG A 203 7.58 19.18 -3.92
CA ARG A 203 7.95 19.01 -5.32
C ARG A 203 7.29 20.08 -6.15
N ILE A 204 6.05 20.42 -5.81
CA ILE A 204 5.30 21.45 -6.52
C ILE A 204 5.73 22.85 -6.11
N GLY A 205 6.25 23.00 -4.90
CA GLY A 205 6.68 24.29 -4.37
C GLY A 205 5.58 24.98 -3.57
N VAL A 206 5.78 25.17 -2.27
CA VAL A 206 4.74 25.83 -1.48
C VAL A 206 4.55 27.28 -1.90
N GLN A 207 3.30 27.69 -2.07
CA GLN A 207 2.95 29.09 -2.30
C GLN A 207 1.79 29.47 -1.40
N ARG A 208 1.99 30.45 -0.52
CA ARG A 208 0.92 30.91 0.37
C ARG A 208 -0.13 31.68 -0.45
N ASN A 209 -1.40 31.65 -0.07
CA ASN A 209 -1.89 30.88 1.07
C ASN A 209 -2.01 29.40 0.74
N VAL A 210 -1.68 28.59 1.73
CA VAL A 210 -1.83 27.15 1.64
C VAL A 210 -3.11 26.74 2.36
N VAL A 211 -3.95 25.98 1.69
CA VAL A 211 -5.21 25.54 2.25
C VAL A 211 -5.32 24.00 2.15
N MET A 212 -5.77 23.36 3.22
CA MET A 212 -6.03 21.93 3.18
C MET A 212 -7.53 21.68 3.18
N VAL A 213 -7.96 20.78 2.30
CA VAL A 213 -9.37 20.41 2.21
C VAL A 213 -9.47 18.90 2.18
N GLY A 214 -10.69 18.39 2.11
CA GLY A 214 -10.86 16.95 2.14
C GLY A 214 -11.25 16.52 3.54
N GLY A 215 -11.84 15.34 3.67
CA GLY A 215 -12.31 14.87 4.94
C GLY A 215 -11.18 14.65 5.94
N VAL A 216 -9.98 14.38 5.44
CA VAL A 216 -8.82 14.15 6.32
C VAL A 216 -8.33 15.46 6.94
N ALA A 217 -8.61 16.59 6.29
CA ALA A 217 -8.31 17.91 6.88
C ALA A 217 -9.12 18.20 8.14
N ARG A 218 -10.12 17.37 8.44
CA ARG A 218 -10.87 17.51 9.71
C ARG A 218 -10.05 17.00 10.90
N ASN A 219 -8.99 16.26 10.60
CA ASN A 219 -8.05 15.77 11.62
C ASN A 219 -6.97 16.83 11.90
N SER A 220 -7.12 17.57 12.99
CA SER A 220 -6.20 18.65 13.29
C SER A 220 -4.77 18.16 13.55
N GLY A 221 -4.62 16.91 13.97
CA GLY A 221 -3.30 16.31 14.11
C GLY A 221 -2.61 16.24 12.74
N ILE A 222 -3.37 15.87 11.71
CA ILE A 222 -2.80 15.84 10.36
C ILE A 222 -2.44 17.26 9.93
N VAL A 223 -3.32 18.22 10.23
CA VAL A 223 -3.01 19.61 9.88
C VAL A 223 -1.75 20.14 10.56
N ARG A 224 -1.60 19.90 11.87
CA ARG A 224 -0.41 20.34 12.60
C ARG A 224 0.87 19.69 12.03
N ALA A 225 0.80 18.38 11.77
CA ALA A 225 1.97 17.66 11.24
C ALA A 225 2.30 18.16 9.82
N MET A 226 1.28 18.38 8.99
CA MET A 226 1.52 18.98 7.68
C MET A 226 2.19 20.35 7.79
N ALA A 227 1.65 21.26 8.61
CA ALA A 227 2.24 22.59 8.74
C ALA A 227 3.70 22.48 9.17
N ARG A 228 3.97 21.54 10.07
CA ARG A 228 5.34 21.31 10.53
C ARG A 228 6.22 20.85 9.35
N GLU A 229 5.76 19.87 8.59
CA GLU A 229 6.59 19.23 7.56
C GLU A 229 6.88 20.19 6.43
N ILE A 230 5.90 21.02 6.06
CA ILE A 230 6.14 21.99 5.00
C ILE A 230 6.62 23.34 5.51
N ASN A 231 6.71 23.49 6.82
CA ASN A 231 7.30 24.69 7.42
C ASN A 231 6.55 25.93 7.01
N THR A 232 5.23 25.78 6.88
CA THR A 232 4.37 26.87 6.44
C THR A 232 3.04 26.74 7.16
N GLU A 233 2.47 27.88 7.54
CA GLU A 233 1.11 27.93 8.04
C GLU A 233 0.11 27.37 7.03
N ILE A 234 -0.87 26.62 7.52
CA ILE A 234 -1.89 26.04 6.67
C ILE A 234 -3.26 26.51 7.16
N ILE A 235 -4.08 27.02 6.25
CA ILE A 235 -5.43 27.43 6.60
C ILE A 235 -6.40 26.29 6.30
N VAL A 236 -7.32 26.03 7.21
CA VAL A 236 -8.36 25.03 6.95
C VAL A 236 -9.70 25.72 7.07
N PRO A 237 -10.56 25.61 6.05
CA PRO A 237 -11.86 26.26 6.24
C PRO A 237 -12.67 25.56 7.32
N ASP A 238 -13.78 26.17 7.71
CA ASP A 238 -14.75 25.58 8.63
C ASP A 238 -15.30 24.26 8.13
N ILE A 239 -15.40 24.13 6.81
CA ILE A 239 -16.04 22.99 6.19
C ILE A 239 -15.12 22.32 5.16
N PRO A 240 -13.96 21.83 5.60
CA PRO A 240 -12.95 21.33 4.65
C PRO A 240 -13.43 20.19 3.76
N GLN A 241 -14.34 19.35 4.25
CA GLN A 241 -14.77 18.21 3.44
C GLN A 241 -15.79 18.61 2.36
N LEU A 242 -16.30 19.84 2.45
CA LEU A 242 -17.43 20.28 1.60
C LEU A 242 -17.06 21.30 0.51
N THR A 243 -15.79 21.66 0.42
CA THR A 243 -15.36 22.66 -0.54
C THR A 243 -15.62 22.27 -2.01
N GLY A 244 -15.52 20.98 -2.34
CA GLY A 244 -15.86 20.53 -3.71
C GLY A 244 -17.35 20.72 -4.04
N ALA A 245 -18.21 20.38 -3.09
CA ALA A 245 -19.66 20.56 -3.28
C ALA A 245 -19.98 22.04 -3.37
N LEU A 246 -19.27 22.85 -2.60
CA LEU A 246 -19.50 24.29 -2.60
C LEU A 246 -19.05 24.87 -3.94
N GLY A 247 -17.88 24.44 -4.43
CA GLY A 247 -17.41 24.88 -5.72
C GLY A 247 -18.44 24.53 -6.80
N ALA A 248 -19.01 23.32 -6.71
CA ALA A 248 -19.96 22.83 -7.72
C ALA A 248 -21.22 23.67 -7.70
N ALA A 249 -21.64 24.06 -6.49
CA ALA A 249 -22.84 24.87 -6.32
C ALA A 249 -22.61 26.28 -6.86
N LEU A 250 -21.36 26.73 -6.84
CA LEU A 250 -21.02 28.05 -7.35
C LEU A 250 -21.02 28.01 -8.88
N TYR A 251 -20.47 26.95 -9.46
CA TYR A 251 -20.57 26.78 -10.91
C TYR A 251 -22.02 26.65 -11.36
N ALA A 252 -22.87 26.07 -10.51
CA ALA A 252 -24.29 25.97 -10.83
C ALA A 252 -24.93 27.35 -10.84
N PHE A 253 -24.48 28.20 -9.92
CA PHE A 253 -24.93 29.57 -9.87
C PHE A 253 -24.50 30.34 -11.12
N ASP A 254 -23.26 30.14 -11.55
CA ASP A 254 -22.78 30.69 -12.82
C ASP A 254 -23.69 30.31 -13.99
N GLU A 255 -24.03 29.02 -14.07
CA GLU A 255 -24.95 28.55 -15.12
C GLU A 255 -26.30 29.26 -15.05
N ALA A 256 -26.82 29.43 -13.85
CA ALA A 256 -28.13 30.02 -13.65
C ALA A 256 -28.14 31.47 -14.10
N LYS A 257 -27.13 32.23 -13.69
CA LYS A 257 -27.02 33.61 -14.13
C LYS A 257 -26.82 33.68 -15.65
N GLU A 258 -26.09 32.73 -16.20
CA GLU A 258 -25.82 32.74 -17.63
C GLU A 258 -27.13 32.59 -18.44
N SER A 259 -28.03 31.76 -17.94
CA SER A 259 -29.25 31.49 -18.67
C SER A 259 -30.24 32.64 -18.45
N GLN A 260 -30.12 33.33 -17.32
CA GLN A 260 -30.93 34.51 -17.10
C GLN A 260 -30.57 35.60 -18.12
N LYS A 261 -29.33 35.55 -18.61
CA LYS A 261 -28.85 36.61 -19.48
C LYS A 261 -29.11 36.37 -20.97
N GLU A 262 -29.62 35.21 -21.33
CA GLU A 262 -30.03 34.97 -22.71
C GLU A 262 -31.52 35.27 -22.91
N VAL A 263 -32.13 35.96 -21.96
CA VAL A 263 -33.51 36.42 -22.11
C VAL A 263 -33.62 37.84 -21.60
N LYS A 264 -34.65 38.54 -22.06
CA LYS A 264 -35.00 39.85 -21.56
C LYS A 264 -36.27 39.73 -20.75
N ASN A 265 -36.36 40.49 -19.68
CA ASN A 265 -37.57 40.55 -18.88
C ASN A 265 -38.18 41.93 -19.02
N ILE A 266 -39.34 41.99 -19.66
CA ILE A 266 -40.00 43.25 -19.94
C ILE A 266 -41.21 43.41 -19.05
N SER A 267 -41.16 44.37 -18.15
CA SER A 267 -42.30 44.63 -17.29
C SER A 267 -42.75 46.09 -17.40
N ALA A 268 -44.00 46.34 -17.02
CA ALA A 268 -44.48 47.70 -16.84
C ALA A 268 -44.56 48.01 -15.34
N MET B 1 31.85 -35.67 6.91
CA MET B 1 31.76 -34.50 7.80
C MET B 1 30.36 -33.89 7.70
N TYR B 2 30.05 -32.99 8.64
CA TYR B 2 28.78 -32.29 8.65
C TYR B 2 29.03 -30.79 8.77
N THR B 3 28.27 -29.97 8.05
CA THR B 3 28.29 -28.52 8.24
C THR B 3 26.84 -28.02 8.33
N MET B 4 26.63 -26.84 8.92
CA MET B 4 25.27 -26.31 9.08
C MET B 4 25.09 -24.91 8.47
N GLY B 5 23.95 -24.70 7.82
CA GLY B 5 23.60 -23.38 7.32
C GLY B 5 22.27 -22.92 7.88
N LEU B 6 22.23 -21.69 8.41
CA LEU B 6 21.01 -21.12 8.96
C LEU B 6 20.64 -19.83 8.21
N ASP B 7 19.39 -19.72 7.81
CA ASP B 7 18.89 -18.56 7.08
C ASP B 7 17.69 -18.03 7.84
N ILE B 8 17.92 -16.99 8.63
CA ILE B 8 16.89 -16.42 9.48
C ILE B 8 16.35 -15.15 8.82
N GLY B 9 15.25 -15.29 8.11
CA GLY B 9 14.61 -14.15 7.47
C GLY B 9 13.64 -13.52 8.43
N SER B 10 13.05 -12.40 8.05
CA SER B 10 12.11 -11.70 8.91
C SER B 10 10.76 -12.41 8.93
N THR B 11 10.60 -13.45 8.11
CA THR B 11 9.35 -14.21 8.08
C THR B 11 9.51 -15.66 8.52
N ALA B 12 10.59 -16.30 8.09
CA ALA B 12 10.79 -17.71 8.42
C ALA B 12 12.25 -18.03 8.66
N SER B 13 12.51 -19.10 9.40
CA SER B 13 13.87 -19.55 9.70
C SER B 13 14.11 -20.89 9.01
N LYS B 14 15.26 -21.00 8.34
CA LYS B 14 15.55 -22.15 7.50
C LYS B 14 16.89 -22.76 7.86
N GLY B 15 16.93 -24.08 8.01
CA GLY B 15 18.16 -24.76 8.40
C GLY B 15 18.45 -25.97 7.53
N VAL B 16 19.73 -26.18 7.24
CA VAL B 16 20.16 -27.34 6.48
C VAL B 16 21.37 -27.96 7.16
N ILE B 17 21.44 -29.29 7.17
CA ILE B 17 22.63 -30.01 7.61
C ILE B 17 23.24 -30.67 6.38
N LEU B 18 24.46 -30.28 6.05
CA LEU B 18 25.10 -30.75 4.83
C LEU B 18 26.19 -31.78 5.14
N LYS B 19 26.36 -32.74 4.25
CA LYS B 19 27.26 -33.88 4.46
C LYS B 19 28.39 -33.87 3.46
N ASN B 20 29.63 -33.71 3.93
CA ASN B 20 30.78 -33.81 3.03
C ASN B 20 30.68 -32.79 1.91
N GLY B 21 29.87 -31.75 2.13
CA GLY B 21 29.73 -30.68 1.17
C GLY B 21 28.92 -31.04 -0.06
N GLU B 22 28.01 -32.00 0.06
CA GLU B 22 27.17 -32.35 -1.09
C GLU B 22 25.84 -33.05 -0.79
N ASP B 23 25.65 -33.54 0.44
CA ASP B 23 24.43 -34.26 0.76
C ASP B 23 23.66 -33.65 1.94
N ILE B 24 22.45 -33.15 1.66
CA ILE B 24 21.61 -32.63 2.72
C ILE B 24 20.97 -33.80 3.45
N VAL B 25 21.28 -33.96 4.73
CA VAL B 25 20.75 -35.07 5.52
C VAL B 25 19.61 -34.62 6.42
N ALA B 26 19.32 -33.33 6.39
CA ALA B 26 18.17 -32.79 7.13
C ALA B 26 17.96 -31.35 6.72
N SER B 27 16.69 -30.95 6.63
CA SER B 27 16.32 -29.57 6.38
C SER B 27 15.03 -29.26 7.13
N GLU B 28 14.83 -28.00 7.49
CA GLU B 28 13.73 -27.61 8.36
C GLU B 28 13.32 -26.16 8.17
N THR B 29 12.02 -25.89 8.22
CA THR B 29 11.52 -24.53 8.13
C THR B 29 10.47 -24.25 9.20
N ILE B 30 10.67 -23.17 9.94
CA ILE B 30 9.72 -22.74 10.95
C ILE B 30 9.19 -21.37 10.54
N SER B 31 7.87 -21.21 10.53
CA SER B 31 7.25 -19.99 10.06
C SER B 31 7.32 -18.85 11.08
N SER B 32 8.37 -18.84 11.89
CA SER B 32 8.65 -17.70 12.76
C SER B 32 10.08 -17.26 12.50
N GLY B 33 10.26 -15.96 12.30
CA GLY B 33 11.51 -15.44 11.78
C GLY B 33 12.44 -14.82 12.82
N THR B 34 13.09 -13.72 12.42
CA THR B 34 14.03 -13.04 13.28
C THR B 34 13.37 -12.58 14.57
N GLY B 35 14.07 -12.75 15.69
CA GLY B 35 13.59 -12.25 16.97
C GLY B 35 12.48 -13.05 17.62
N THR B 36 12.30 -14.29 17.18
CA THR B 36 11.35 -15.19 17.81
C THR B 36 12.07 -16.45 18.25
N THR B 37 11.33 -17.52 18.50
CA THR B 37 11.93 -18.80 18.82
C THR B 37 12.30 -19.54 17.53
N GLY B 38 12.28 -18.81 16.41
CA GLY B 38 12.49 -19.39 15.10
C GLY B 38 13.75 -20.22 15.02
N PRO B 39 14.92 -19.56 15.20
CA PRO B 39 16.23 -20.22 15.17
C PRO B 39 16.32 -21.38 16.15
N SER B 40 15.92 -21.15 17.40
CA SER B 40 15.97 -22.21 18.41
C SER B 40 15.33 -23.47 17.87
N ARG B 41 14.04 -23.38 17.56
CA ARG B 41 13.27 -24.54 17.15
C ARG B 41 13.82 -25.20 15.90
N VAL B 42 14.48 -24.42 15.05
CA VAL B 42 15.05 -24.98 13.82
C VAL B 42 16.15 -25.97 14.15
N LEU B 43 17.12 -25.53 14.95
CA LEU B 43 18.20 -26.40 15.39
C LEU B 43 17.60 -27.65 16.02
N GLU B 44 16.75 -27.44 17.02
CA GLU B 44 16.06 -28.53 17.71
C GLU B 44 15.68 -29.63 16.74
N LYS B 45 15.06 -29.25 15.63
CA LYS B 45 14.48 -30.20 14.69
C LYS B 45 15.55 -30.88 13.83
N LEU B 46 16.53 -30.12 13.37
CA LEU B 46 17.61 -30.69 12.56
C LEU B 46 18.37 -31.76 13.35
N TYR B 47 18.65 -31.45 14.60
CA TYR B 47 19.34 -32.37 15.50
C TYR B 47 18.52 -33.65 15.65
N GLY B 48 17.20 -33.51 15.63
CA GLY B 48 16.32 -34.64 15.71
C GLY B 48 16.45 -35.56 14.50
N LYS B 49 16.17 -35.02 13.33
CA LYS B 49 16.11 -35.81 12.10
C LYS B 49 17.39 -36.61 11.85
N THR B 50 18.53 -36.03 12.18
CA THR B 50 19.82 -36.67 11.89
C THR B 50 20.35 -37.42 13.11
N GLY B 51 19.85 -37.06 14.28
CA GLY B 51 20.31 -37.65 15.52
C GLY B 51 21.69 -37.15 15.91
N LEU B 52 22.03 -35.94 15.46
CA LEU B 52 23.32 -35.35 15.78
C LEU B 52 23.18 -34.27 16.86
N ALA B 53 24.31 -33.69 17.25
CA ALA B 53 24.35 -32.70 18.32
C ALA B 53 25.28 -31.57 17.90
N ARG B 54 25.33 -30.47 18.67
CA ARG B 54 26.16 -29.34 18.27
C ARG B 54 27.61 -29.76 18.08
N GLU B 55 28.10 -30.67 18.90
CA GLU B 55 29.51 -31.05 18.84
C GLU B 55 29.87 -31.57 17.46
N ASP B 56 28.92 -32.22 16.80
CA ASP B 56 29.17 -32.92 15.54
C ASP B 56 29.31 -31.97 14.34
N ILE B 57 29.02 -30.69 14.55
CA ILE B 57 29.02 -29.71 13.47
C ILE B 57 30.38 -28.99 13.35
N LYS B 58 31.13 -29.28 12.29
CA LYS B 58 32.47 -28.71 12.15
C LYS B 58 32.40 -27.19 11.94
N LYS B 59 31.44 -26.72 11.16
CA LYS B 59 31.28 -25.28 10.95
C LYS B 59 29.82 -24.92 10.73
N VAL B 60 29.39 -23.78 11.26
CA VAL B 60 28.06 -23.23 11.00
C VAL B 60 28.15 -21.78 10.51
N VAL B 61 27.40 -21.47 9.44
CA VAL B 61 27.30 -20.10 8.93
C VAL B 61 25.86 -19.66 8.97
N VAL B 62 25.61 -18.42 9.35
CA VAL B 62 24.25 -17.88 9.36
C VAL B 62 24.09 -16.74 8.34
N THR B 63 22.89 -16.62 7.79
CA THR B 63 22.62 -15.62 6.77
C THR B 63 21.18 -15.19 6.94
N GLY B 64 20.73 -14.25 6.13
CA GLY B 64 19.40 -13.70 6.28
C GLY B 64 19.42 -12.43 7.12
N TYR B 65 18.23 -11.88 7.35
CA TYR B 65 18.08 -10.58 7.99
C TYR B 65 18.46 -10.61 9.48
N GLY B 66 18.39 -11.79 10.09
CA GLY B 66 18.63 -11.91 11.52
C GLY B 66 20.00 -12.45 11.89
N ARG B 67 20.84 -12.68 10.89
CA ARG B 67 22.13 -13.31 11.09
C ARG B 67 22.99 -12.61 12.15
N MET B 68 23.00 -11.29 12.13
CA MET B 68 23.85 -10.51 13.03
C MET B 68 23.36 -10.53 14.47
N ASN B 69 22.05 -10.44 14.66
CA ASN B 69 21.47 -10.57 15.99
C ASN B 69 21.40 -12.04 16.38
N TYR B 70 22.54 -12.69 16.38
CA TYR B 70 22.61 -14.12 16.63
C TYR B 70 24.03 -14.58 16.91
N SER B 71 24.22 -15.19 18.07
CA SER B 71 25.50 -15.82 18.37
C SER B 71 25.23 -17.20 18.99
N ASP B 72 26.10 -18.16 18.70
CA ASP B 72 27.32 -17.93 17.94
C ASP B 72 27.35 -18.72 16.64
N ALA B 73 27.79 -18.05 15.57
CA ALA B 73 28.06 -18.68 14.29
C ALA B 73 29.54 -18.47 13.97
N ASP B 74 30.10 -19.36 13.14
CA ASP B 74 31.48 -19.17 12.66
C ASP B 74 31.59 -17.95 11.74
N LYS B 75 30.78 -17.93 10.68
CA LYS B 75 30.67 -16.76 9.82
C LYS B 75 29.21 -16.34 9.70
N GLN B 76 29.00 -15.06 9.45
CA GLN B 76 27.70 -14.55 9.06
C GLN B 76 27.87 -13.99 7.66
N ILE B 77 27.08 -14.47 6.70
CA ILE B 77 27.29 -14.11 5.31
C ILE B 77 26.02 -13.58 4.63
N SER B 78 26.21 -12.61 3.73
CA SER B 78 25.11 -12.02 2.99
C SER B 78 24.19 -13.08 2.35
N GLU B 79 22.88 -12.87 2.45
CA GLU B 79 21.93 -13.82 1.88
C GLU B 79 21.95 -13.77 0.36
N LEU B 80 22.50 -12.70 -0.21
CA LEU B 80 22.66 -12.61 -1.66
C LEU B 80 23.70 -13.65 -2.09
N SER B 81 24.82 -13.66 -1.38
CA SER B 81 25.87 -14.65 -1.61
C SER B 81 25.39 -16.08 -1.37
N CYS B 82 24.63 -16.28 -0.28
CA CYS B 82 24.22 -17.62 0.09
C CYS B 82 23.19 -18.17 -0.90
N HIS B 83 22.22 -17.36 -1.33
CA HIS B 83 21.26 -17.85 -2.31
C HIS B 83 21.96 -18.19 -3.62
N ALA B 84 22.90 -17.36 -4.04
CA ALA B 84 23.63 -17.61 -5.28
C ALA B 84 24.40 -18.94 -5.18
N ARG B 85 25.08 -19.15 -4.07
CA ARG B 85 25.86 -20.39 -3.84
C ARG B 85 24.97 -21.64 -3.91
N GLY B 86 23.85 -21.59 -3.20
CA GLY B 86 22.93 -22.71 -3.12
C GLY B 86 22.29 -23.05 -4.45
N VAL B 87 21.87 -22.01 -5.18
CA VAL B 87 21.26 -22.18 -6.48
C VAL B 87 22.28 -22.75 -7.48
N ASN B 88 23.50 -22.20 -7.48
CA ASN B 88 24.54 -22.66 -8.40
C ASN B 88 24.95 -24.11 -8.12
N PHE B 89 24.77 -24.54 -6.88
CA PHE B 89 25.09 -25.90 -6.49
C PHE B 89 24.09 -26.90 -7.09
N ILE B 90 22.85 -26.45 -7.31
CA ILE B 90 21.79 -27.31 -7.82
C ILE B 90 21.56 -27.15 -9.32
N ILE B 91 21.67 -25.90 -9.80
CA ILE B 91 21.32 -25.54 -11.17
C ILE B 91 22.46 -24.78 -11.83
N PRO B 92 23.08 -25.36 -12.87
CA PRO B 92 24.23 -24.69 -13.48
C PRO B 92 23.86 -23.69 -14.57
N GLU B 93 24.78 -22.78 -14.86
CA GLU B 93 24.55 -21.71 -15.83
C GLU B 93 23.36 -20.86 -15.40
N THR B 94 23.19 -20.69 -14.09
CA THR B 94 22.20 -19.75 -13.58
C THR B 94 22.74 -18.33 -13.76
N ARG B 95 21.95 -17.45 -14.37
CA ARG B 95 22.37 -16.06 -14.57
C ARG B 95 21.40 -15.05 -13.93
N THR B 96 20.16 -15.48 -13.68
CA THR B 96 19.19 -14.62 -12.98
C THR B 96 18.54 -15.41 -11.85
N ILE B 97 18.51 -14.84 -10.66
CA ILE B 97 17.83 -15.47 -9.54
C ILE B 97 16.76 -14.48 -9.05
N ILE B 98 15.53 -14.98 -8.85
CA ILE B 98 14.41 -14.19 -8.36
C ILE B 98 14.03 -14.73 -6.98
N ASP B 99 14.26 -13.94 -5.94
CA ASP B 99 14.00 -14.39 -4.56
C ASP B 99 12.77 -13.64 -4.06
N ILE B 100 11.64 -14.34 -3.93
CA ILE B 100 10.46 -13.67 -3.37
C ILE B 100 10.20 -14.19 -1.95
N GLY B 101 10.47 -13.35 -0.97
CA GLY B 101 10.27 -13.74 0.41
C GLY B 101 9.04 -13.11 1.04
N GLY B 102 8.97 -13.18 2.36
CA GLY B 102 7.82 -12.69 3.07
C GLY B 102 7.57 -11.20 2.96
N GLN B 103 8.62 -10.40 2.83
CA GLN B 103 8.48 -8.94 2.87
C GLN B 103 9.23 -8.20 1.77
N ASP B 104 9.85 -8.90 0.84
CA ASP B 104 10.51 -8.21 -0.27
C ASP B 104 10.69 -9.12 -1.49
N ALA B 105 11.08 -8.55 -2.62
CA ALA B 105 11.41 -9.35 -3.80
C ALA B 105 12.74 -8.85 -4.30
N LYS B 106 13.63 -9.78 -4.67
CA LYS B 106 15.00 -9.48 -5.07
C LYS B 106 15.28 -10.14 -6.44
N VAL B 107 16.01 -9.45 -7.32
CA VAL B 107 16.50 -10.05 -8.56
C VAL B 107 18.02 -9.87 -8.60
N LEU B 108 18.70 -11.01 -8.71
CA LEU B 108 20.15 -11.05 -8.81
C LEU B 108 20.55 -11.40 -10.21
N LYS B 109 21.53 -10.69 -10.75
CA LYS B 109 22.15 -11.07 -12.00
C LYS B 109 23.54 -11.60 -11.65
N LEU B 110 23.89 -12.77 -12.20
CA LEU B 110 25.17 -13.40 -11.89
C LEU B 110 26.06 -13.45 -13.12
N ASP B 111 27.37 -13.46 -12.92
CA ASP B 111 28.29 -13.65 -14.04
C ASP B 111 28.55 -15.15 -14.16
N ASN B 112 29.41 -15.52 -15.10
CA ASN B 112 29.66 -16.95 -15.38
C ASN B 112 30.27 -17.72 -14.20
N ASN B 113 30.70 -17.00 -13.16
CA ASN B 113 31.26 -17.63 -11.97
C ASN B 113 30.30 -17.68 -10.80
N GLY B 114 29.09 -17.15 -10.99
CA GLY B 114 28.10 -17.13 -9.94
C GLY B 114 28.22 -15.92 -9.04
N ARG B 115 29.04 -14.94 -9.45
CA ARG B 115 29.24 -13.72 -8.67
C ARG B 115 28.26 -12.63 -9.11
N LEU B 116 27.92 -11.74 -8.19
CA LEU B 116 26.86 -10.77 -8.44
C LEU B 116 27.33 -9.68 -9.39
N LEU B 117 26.58 -9.49 -10.47
CA LEU B 117 26.83 -8.50 -11.51
C LEU B 117 25.90 -7.31 -11.41
N ASN B 118 24.67 -7.57 -10.97
CA ASN B 118 23.64 -6.52 -10.85
C ASN B 118 22.60 -7.05 -9.90
N PHE B 119 21.76 -6.15 -9.40
CA PHE B 119 20.84 -6.46 -8.32
C PHE B 119 19.71 -5.42 -8.31
N LEU B 120 18.46 -5.84 -8.15
CA LEU B 120 17.33 -4.91 -7.92
C LEU B 120 16.42 -5.51 -6.86
N MET B 121 15.89 -4.68 -5.97
CA MET B 121 15.05 -5.19 -4.90
C MET B 121 13.86 -4.26 -4.65
N ASN B 122 12.68 -4.83 -4.39
N ASN B 122 12.67 -4.84 -4.42
CA ASN B 122 11.55 -4.08 -3.84
CA ASN B 122 11.57 -4.13 -3.78
C ASN B 122 11.37 -4.49 -2.37
C ASN B 122 11.48 -4.55 -2.34
N ASP B 123 11.77 -3.64 -1.42
CA ASP B 123 11.56 -3.94 -0.01
C ASP B 123 10.76 -2.83 0.71
N LYS B 124 10.11 -1.96 -0.07
CA LYS B 124 9.35 -0.83 0.50
C LYS B 124 7.85 -0.98 0.38
N CYS B 125 7.39 -1.90 -0.47
CA CYS B 125 5.97 -2.00 -0.79
C CYS B 125 5.56 -3.46 -0.60
N ALA B 126 4.46 -3.70 0.10
CA ALA B 126 4.02 -5.06 0.37
C ALA B 126 3.52 -5.80 -0.89
N ALA B 127 3.05 -5.06 -1.90
CA ALA B 127 2.65 -5.70 -3.18
C ALA B 127 3.85 -6.47 -3.76
N GLY B 128 3.58 -7.55 -4.46
CA GLY B 128 4.64 -8.28 -5.13
C GLY B 128 5.56 -8.98 -4.13
N THR B 129 5.04 -9.28 -2.93
CA THR B 129 5.80 -10.04 -1.95
C THR B 129 4.90 -11.07 -1.30
N GLY B 130 5.51 -11.92 -0.48
CA GLY B 130 4.77 -12.89 0.31
C GLY B 130 3.71 -12.26 1.19
N ARG B 131 3.91 -11.02 1.66
CA ARG B 131 2.92 -10.40 2.55
C ARG B 131 1.60 -10.18 1.81
N PHE B 132 1.70 -9.84 0.52
CA PHE B 132 0.52 -9.69 -0.32
C PHE B 132 -0.29 -10.98 -0.32
N LEU B 133 0.40 -12.10 -0.50
CA LEU B 133 -0.27 -13.39 -0.53
C LEU B 133 -0.79 -13.78 0.85
N ASP B 134 -0.01 -13.48 1.88
CA ASP B 134 -0.39 -13.83 3.24
C ASP B 134 -1.69 -13.10 3.60
N VAL B 135 -1.75 -11.81 3.28
CA VAL B 135 -2.96 -11.01 3.54
C VAL B 135 -4.16 -11.60 2.82
N MET B 136 -4.00 -11.87 1.53
CA MET B 136 -5.10 -12.40 0.71
C MET B 136 -5.59 -13.75 1.19
N ALA B 137 -4.66 -14.62 1.57
CA ALA B 137 -5.01 -15.97 2.01
C ALA B 137 -5.85 -15.90 3.28
N LYS B 138 -5.51 -14.97 4.16
CA LYS B 138 -6.29 -14.74 5.39
C LYS B 138 -7.69 -14.21 5.06
N ILE B 139 -7.77 -13.36 4.03
CA ILE B 139 -9.06 -12.84 3.58
C ILE B 139 -9.92 -13.90 2.91
N ILE B 140 -9.28 -14.79 2.16
CA ILE B 140 -9.97 -15.85 1.43
C ILE B 140 -10.18 -17.05 2.35
N GLU B 141 -9.52 -17.03 3.51
CA GLU B 141 -9.64 -18.09 4.49
C GLU B 141 -9.12 -19.44 4.01
N VAL B 142 -7.96 -19.42 3.35
CA VAL B 142 -7.22 -20.64 3.05
C VAL B 142 -5.77 -20.45 3.45
N ASP B 143 -5.03 -21.54 3.60
CA ASP B 143 -3.60 -21.45 3.93
C ASP B 143 -2.84 -21.08 2.67
N VAL B 144 -1.73 -20.36 2.82
CA VAL B 144 -0.98 -19.91 1.66
C VAL B 144 -0.49 -21.12 0.85
N SER B 145 -0.32 -22.26 1.52
CA SER B 145 0.23 -23.44 0.87
C SER B 145 -0.77 -24.06 -0.12
N GLU B 146 -2.05 -23.69 -0.01
CA GLU B 146 -3.08 -24.23 -0.90
C GLU B 146 -3.29 -23.38 -2.17
N LEU B 147 -2.82 -22.14 -2.18
CA LEU B 147 -3.14 -21.21 -3.26
C LEU B 147 -2.71 -21.74 -4.63
N GLY B 148 -1.54 -22.37 -4.71
CA GLY B 148 -1.04 -22.88 -5.97
C GLY B 148 -2.01 -23.84 -6.63
N SER B 149 -2.53 -24.78 -5.85
CA SER B 149 -3.36 -25.84 -6.42
C SER B 149 -4.78 -25.34 -6.65
N ILE B 150 -5.25 -24.46 -5.77
CA ILE B 150 -6.55 -23.82 -5.97
C ILE B 150 -6.59 -23.09 -7.30
N SER B 151 -5.54 -22.34 -7.61
CA SER B 151 -5.57 -21.52 -8.82
C SER B 151 -5.57 -22.37 -10.08
N MET B 152 -5.16 -23.63 -9.95
CA MET B 152 -5.08 -24.54 -11.08
C MET B 152 -6.46 -24.79 -11.70
N ASN B 153 -7.52 -24.65 -10.89
CA ASN B 153 -8.89 -24.82 -11.35
C ASN B 153 -9.49 -23.62 -12.09
N SER B 154 -8.74 -22.53 -12.19
CA SER B 154 -9.29 -21.30 -12.73
C SER B 154 -9.59 -21.38 -14.22
N GLN B 155 -10.81 -21.00 -14.59
CA GLN B 155 -11.21 -20.97 -15.98
C GLN B 155 -11.52 -19.55 -16.48
N ASN B 156 -11.88 -18.63 -15.59
CA ASN B 156 -12.03 -17.22 -15.95
C ASN B 156 -11.51 -16.28 -14.86
N GLU B 157 -10.19 -16.15 -14.88
CA GLU B 157 -9.45 -15.36 -13.92
C GLU B 157 -10.05 -13.97 -13.74
N VAL B 158 -10.17 -13.57 -12.48
CA VAL B 158 -10.67 -12.26 -12.10
C VAL B 158 -9.52 -11.28 -11.99
N SER B 159 -9.58 -10.19 -12.75
CA SER B 159 -8.52 -9.21 -12.73
C SER B 159 -8.62 -8.37 -11.47
N ILE B 160 -7.48 -8.05 -10.89
CA ILE B 160 -7.42 -7.03 -9.85
C ILE B 160 -6.84 -5.77 -10.48
N SER B 161 -7.57 -4.67 -10.43
CA SER B 161 -7.08 -3.45 -11.06
C SER B 161 -6.07 -2.68 -10.18
N SER B 162 -6.24 -2.73 -8.86
CA SER B 162 -5.35 -2.00 -7.93
C SER B 162 -4.00 -2.70 -7.80
N THR B 163 -2.91 -1.95 -7.83
CA THR B 163 -1.60 -2.56 -7.57
C THR B 163 -1.26 -2.58 -6.06
N CYS B 164 -1.92 -1.72 -5.31
CA CYS B 164 -1.72 -1.59 -3.87
C CYS B 164 -2.33 -2.76 -3.11
N THR B 165 -1.58 -3.35 -2.18
CA THR B 165 -2.12 -4.46 -1.38
C THR B 165 -3.44 -4.06 -0.71
N VAL B 166 -3.50 -2.85 -0.19
CA VAL B 166 -4.64 -2.44 0.63
C VAL B 166 -5.90 -2.29 -0.23
N PHE B 167 -5.78 -1.57 -1.35
CA PHE B 167 -6.92 -1.41 -2.26
C PHE B 167 -7.29 -2.76 -2.92
N ALA B 168 -6.30 -3.60 -3.17
CA ALA B 168 -6.55 -4.91 -3.75
C ALA B 168 -7.39 -5.76 -2.80
N GLU B 169 -7.12 -5.70 -1.50
CA GLU B 169 -7.93 -6.45 -0.54
C GLU B 169 -9.39 -6.07 -0.69
N SER B 170 -9.64 -4.77 -0.84
CA SER B 170 -11.01 -4.30 -0.97
C SER B 170 -11.66 -4.89 -2.22
N GLU B 171 -10.91 -4.99 -3.32
CA GLU B 171 -11.43 -5.62 -4.52
C GLU B 171 -11.75 -7.08 -4.29
N VAL B 172 -10.85 -7.78 -3.61
CA VAL B 172 -11.03 -9.21 -3.38
C VAL B 172 -12.25 -9.44 -2.49
N ILE B 173 -12.37 -8.69 -1.40
CA ILE B 173 -13.55 -8.77 -0.55
C ILE B 173 -14.82 -8.59 -1.38
N SER B 174 -14.81 -7.61 -2.28
CA SER B 174 -15.97 -7.35 -3.11
C SER B 174 -16.26 -8.54 -4.02
N HIS B 175 -15.22 -9.11 -4.62
CA HIS B 175 -15.41 -10.29 -5.47
C HIS B 175 -16.01 -11.42 -4.65
N LEU B 176 -15.48 -11.62 -3.44
CA LEU B 176 -15.96 -12.66 -2.55
C LEU B 176 -17.44 -12.49 -2.24
N SER B 177 -17.87 -11.25 -2.05
CA SER B 177 -19.25 -10.97 -1.65
C SER B 177 -20.23 -11.33 -2.75
N GLU B 178 -19.83 -11.10 -4.00
CA GLU B 178 -20.66 -11.45 -5.14
C GLU B 178 -20.20 -12.77 -5.76
N ASN B 179 -19.75 -13.66 -4.88
CA ASN B 179 -19.60 -15.07 -5.20
C ASN B 179 -18.86 -15.38 -6.50
N ALA B 180 -17.84 -14.60 -6.81
CA ALA B 180 -16.89 -15.00 -7.83
C ALA B 180 -16.28 -16.32 -7.36
N LYS B 181 -15.90 -17.17 -8.29
CA LYS B 181 -15.28 -18.44 -7.91
C LYS B 181 -13.92 -18.19 -7.26
N ILE B 182 -13.68 -18.83 -6.12
CA ILE B 182 -12.45 -18.66 -5.38
C ILE B 182 -11.22 -18.96 -6.25
N GLU B 183 -11.30 -19.99 -7.08
CA GLU B 183 -10.16 -20.34 -7.91
C GLU B 183 -9.83 -19.20 -8.86
N ASP B 184 -10.86 -18.49 -9.35
CA ASP B 184 -10.63 -17.36 -10.24
C ASP B 184 -10.09 -16.15 -9.46
N ILE B 185 -10.53 -15.98 -8.23
CA ILE B 185 -9.98 -14.92 -7.37
C ILE B 185 -8.48 -15.14 -7.18
N VAL B 186 -8.11 -16.36 -6.81
CA VAL B 186 -6.70 -16.67 -6.56
C VAL B 186 -5.89 -16.49 -7.84
N ALA B 187 -6.41 -16.93 -8.98
CA ALA B 187 -5.66 -16.76 -10.21
C ALA B 187 -5.29 -15.27 -10.41
N GLY B 188 -6.21 -14.38 -10.13
CA GLY B 188 -5.96 -12.98 -10.36
C GLY B 188 -4.96 -12.44 -9.34
N ILE B 189 -4.99 -12.99 -8.13
CA ILE B 189 -4.03 -12.62 -7.09
C ILE B 189 -2.64 -13.00 -7.55
N HIS B 190 -2.49 -14.21 -8.11
CA HIS B 190 -1.19 -14.66 -8.57
C HIS B 190 -0.67 -13.75 -9.66
N THR B 191 -1.55 -13.37 -10.57
CA THR B 191 -1.20 -12.46 -11.64
C THR B 191 -0.75 -11.08 -11.12
N SER B 192 -1.41 -10.54 -10.10
CA SER B 192 -0.96 -9.25 -9.53
C SER B 192 0.49 -9.35 -9.06
N VAL B 193 0.80 -10.38 -8.29
CA VAL B 193 2.16 -10.58 -7.81
C VAL B 193 3.14 -10.72 -8.98
N ALA B 194 2.79 -11.54 -9.98
CA ALA B 194 3.72 -11.79 -11.09
C ALA B 194 3.95 -10.51 -11.86
N LYS B 195 2.91 -9.71 -12.06
CA LYS B 195 3.07 -8.43 -12.77
C LYS B 195 4.07 -7.53 -12.05
N ARG B 196 3.94 -7.43 -10.73
N ARG B 196 3.97 -7.45 -10.73
CA ARG B 196 4.84 -6.60 -9.93
CA ARG B 196 4.86 -6.55 -9.99
C ARG B 196 6.28 -7.07 -10.09
C ARG B 196 6.31 -7.06 -9.97
N VAL B 197 6.51 -8.35 -9.80
CA VAL B 197 7.89 -8.87 -9.76
C VAL B 197 8.49 -8.92 -11.17
N SER B 198 7.68 -9.18 -12.18
CA SER B 198 8.23 -9.33 -13.53
C SER B 198 8.75 -7.97 -14.01
N SER B 199 8.13 -6.91 -13.53
CA SER B 199 8.57 -5.58 -13.90
C SER B 199 9.99 -5.34 -13.37
N LEU B 200 10.24 -5.80 -12.15
CA LEU B 200 11.60 -5.79 -11.58
C LEU B 200 12.59 -6.53 -12.47
N VAL B 201 12.22 -7.77 -12.81
CA VAL B 201 13.06 -8.62 -13.64
C VAL B 201 13.35 -7.99 -15.00
N LYS B 202 12.38 -7.32 -15.59
CA LYS B 202 12.57 -6.76 -16.93
C LYS B 202 13.52 -5.55 -16.88
N ARG B 203 13.55 -4.87 -15.74
CA ARG B 203 14.45 -3.74 -15.58
C ARG B 203 15.92 -4.17 -15.66
N ILE B 204 16.29 -5.23 -14.95
CA ILE B 204 17.68 -5.70 -15.02
C ILE B 204 17.94 -6.50 -16.30
N GLY B 205 16.90 -7.00 -16.94
CA GLY B 205 17.04 -7.80 -18.13
C GLY B 205 17.12 -9.27 -17.77
N VAL B 206 16.26 -10.10 -18.36
CA VAL B 206 16.33 -11.53 -18.08
C VAL B 206 17.53 -12.14 -18.79
N GLN B 207 18.23 -13.02 -18.10
CA GLN B 207 19.32 -13.79 -18.70
C GLN B 207 19.18 -15.23 -18.23
N ARG B 208 19.07 -16.17 -19.15
CA ARG B 208 18.85 -17.56 -18.77
C ARG B 208 20.17 -18.15 -18.27
N ASN B 209 20.13 -19.15 -17.39
CA ASN B 209 18.92 -19.70 -16.80
C ASN B 209 18.38 -18.78 -15.72
N VAL B 210 17.05 -18.67 -15.67
CA VAL B 210 16.33 -17.91 -14.65
C VAL B 210 15.81 -18.88 -13.59
N VAL B 211 16.12 -18.62 -12.33
CA VAL B 211 15.71 -19.50 -11.24
C VAL B 211 14.93 -18.70 -10.20
N MET B 212 13.85 -19.28 -9.67
CA MET B 212 13.12 -18.66 -8.56
C MET B 212 13.37 -19.43 -7.27
N VAL B 213 13.62 -18.68 -6.20
CA VAL B 213 13.79 -19.21 -4.85
C VAL B 213 12.96 -18.34 -3.89
N GLY B 214 12.97 -18.69 -2.61
CA GLY B 214 12.13 -18.00 -1.65
C GLY B 214 10.92 -18.84 -1.30
N GLY B 215 10.32 -18.57 -0.15
CA GLY B 215 9.11 -19.27 0.27
C GLY B 215 8.02 -19.20 -0.79
N VAL B 216 7.87 -18.04 -1.41
CA VAL B 216 6.77 -17.84 -2.35
C VAL B 216 6.93 -18.72 -3.59
N ALA B 217 8.17 -19.12 -3.90
CA ALA B 217 8.44 -20.01 -5.04
C ALA B 217 7.86 -21.40 -4.84
N ARG B 218 7.44 -21.72 -3.62
CA ARG B 218 6.76 -22.98 -3.37
C ARG B 218 5.36 -22.93 -3.95
N ASN B 219 4.86 -21.73 -4.24
CA ASN B 219 3.54 -21.54 -4.85
C ASN B 219 3.63 -21.74 -6.35
N SER B 220 3.13 -22.88 -6.81
CA SER B 220 3.26 -23.27 -8.20
C SER B 220 2.53 -22.30 -9.12
N GLY B 221 1.43 -21.76 -8.62
CA GLY B 221 0.66 -20.77 -9.37
C GLY B 221 1.47 -19.51 -9.64
N ILE B 222 2.19 -19.05 -8.63
CA ILE B 222 3.05 -17.89 -8.79
C ILE B 222 4.13 -18.18 -9.82
N VAL B 223 4.71 -19.37 -9.76
CA VAL B 223 5.79 -19.70 -10.69
C VAL B 223 5.25 -19.70 -12.11
N ARG B 224 4.10 -20.33 -12.34
CA ARG B 224 3.47 -20.31 -13.67
C ARG B 224 3.19 -18.87 -14.13
N ALA B 225 2.58 -18.07 -13.28
CA ALA B 225 2.28 -16.69 -13.66
C ALA B 225 3.56 -15.92 -13.99
N MET B 226 4.62 -16.13 -13.22
CA MET B 226 5.90 -15.45 -13.48
C MET B 226 6.42 -15.85 -14.84
N ALA B 227 6.37 -17.14 -15.14
CA ALA B 227 6.94 -17.63 -16.39
C ALA B 227 6.17 -16.98 -17.54
N ARG B 228 4.86 -16.84 -17.36
CA ARG B 228 4.01 -16.18 -18.35
C ARG B 228 4.42 -14.71 -18.52
N GLU B 229 4.58 -13.98 -17.42
CA GLU B 229 4.85 -12.55 -17.51
C GLU B 229 6.23 -12.17 -18.04
N ILE B 230 7.27 -12.95 -17.72
CA ILE B 230 8.61 -12.61 -18.19
C ILE B 230 8.90 -13.32 -19.52
N ASN B 231 8.02 -14.24 -19.88
CA ASN B 231 8.11 -14.94 -21.16
C ASN B 231 9.44 -15.70 -21.30
N THR B 232 9.79 -16.42 -20.25
CA THR B 232 11.05 -17.14 -20.23
C THR B 232 10.86 -18.34 -19.32
N GLU B 233 11.49 -19.46 -19.66
CA GLU B 233 11.44 -20.61 -18.80
C GLU B 233 11.98 -20.22 -17.43
N ILE B 234 11.36 -20.77 -16.38
CA ILE B 234 11.83 -20.55 -15.02
C ILE B 234 12.10 -21.92 -14.41
N ILE B 235 13.29 -22.08 -13.86
CA ILE B 235 13.66 -23.32 -13.21
C ILE B 235 13.48 -23.08 -11.73
N VAL B 236 12.79 -23.99 -11.05
CA VAL B 236 12.62 -23.88 -9.61
C VAL B 236 13.16 -25.15 -8.97
N PRO B 237 14.04 -25.02 -7.98
CA PRO B 237 14.45 -26.24 -7.29
C PRO B 237 13.30 -26.82 -6.48
N ASP B 238 13.46 -28.06 -6.04
CA ASP B 238 12.46 -28.71 -5.20
C ASP B 238 12.49 -28.16 -3.79
N ILE B 239 13.58 -27.47 -3.43
CA ILE B 239 13.70 -26.88 -2.11
C ILE B 239 13.91 -25.38 -2.24
N PRO B 240 12.96 -24.70 -2.92
CA PRO B 240 13.11 -23.28 -3.22
C PRO B 240 13.37 -22.41 -1.99
N GLN B 241 12.72 -22.71 -0.87
CA GLN B 241 12.80 -21.84 0.31
C GLN B 241 14.10 -22.02 1.08
N LEU B 242 14.87 -23.04 0.70
CA LEU B 242 16.02 -23.48 1.50
C LEU B 242 17.37 -23.26 0.83
N THR B 243 17.37 -22.56 -0.30
CA THR B 243 18.59 -22.36 -1.06
C THR B 243 19.56 -21.41 -0.35
N GLY B 244 19.05 -20.51 0.46
CA GLY B 244 19.88 -19.65 1.30
C GLY B 244 20.62 -20.45 2.37
N ALA B 245 19.90 -21.33 3.06
CA ALA B 245 20.50 -22.14 4.13
C ALA B 245 21.45 -23.18 3.53
N LEU B 246 21.17 -23.60 2.31
CA LEU B 246 22.06 -24.53 1.62
C LEU B 246 23.36 -23.80 1.27
N GLY B 247 23.24 -22.60 0.70
CA GLY B 247 24.41 -21.81 0.36
C GLY B 247 25.29 -21.57 1.58
N ALA B 248 24.66 -21.23 2.70
CA ALA B 248 25.38 -20.96 3.94
C ALA B 248 26.13 -22.20 4.41
N ALA B 249 25.52 -23.38 4.25
CA ALA B 249 26.15 -24.64 4.65
C ALA B 249 27.35 -24.96 3.76
N LEU B 250 27.27 -24.57 2.49
CA LEU B 250 28.36 -24.77 1.55
C LEU B 250 29.54 -23.85 1.86
N TYR B 251 29.25 -22.62 2.30
CA TYR B 251 30.31 -21.73 2.77
C TYR B 251 30.88 -22.31 4.05
N ALA B 252 30.02 -23.00 4.81
CA ALA B 252 30.49 -23.71 6.00
C ALA B 252 31.46 -24.81 5.59
N PHE B 253 31.15 -25.52 4.49
CA PHE B 253 31.98 -26.62 4.03
C PHE B 253 33.33 -26.07 3.56
N ASP B 254 33.30 -24.93 2.89
CA ASP B 254 34.52 -24.24 2.49
C ASP B 254 35.40 -24.03 3.72
N GLU B 255 34.80 -23.45 4.75
CA GLU B 255 35.49 -23.15 5.99
C GLU B 255 36.11 -24.39 6.62
N ALA B 256 35.40 -25.51 6.54
CA ALA B 256 35.86 -26.74 7.18
C ALA B 256 37.11 -27.28 6.48
N LYS B 257 37.13 -27.19 5.16
CA LYS B 257 38.30 -27.58 4.39
C LYS B 257 39.46 -26.67 4.78
N GLU B 258 39.16 -25.38 4.88
CA GLU B 258 40.17 -24.37 5.15
C GLU B 258 40.90 -24.64 6.47
N SER B 259 40.19 -25.22 7.43
CA SER B 259 40.80 -25.65 8.69
C SER B 259 41.18 -27.12 8.60
N GLN B 260 42.00 -27.45 7.61
CA GLN B 260 42.45 -28.82 7.41
C GLN B 260 43.23 -29.32 8.62
FE1 SF4 C . 2.59 -0.69 -1.91
FE2 SF4 C . 1.69 1.82 -0.87
FE3 SF4 C . 1.97 -0.46 0.80
FE4 SF4 C . -0.07 -0.24 -1.03
S1 SF4 C . 0.39 1.07 0.73
S2 SF4 C . 1.29 -1.95 -0.71
S3 SF4 C . 1.07 0.66 -2.70
S4 SF4 C . 3.44 0.65 -0.32
PB ADP D . -13.51 11.47 -1.15
O1B ADP D . -14.72 10.61 -1.01
O2B ADP D . -12.37 10.88 -1.94
O3B ADP D . -13.76 12.89 -1.63
PA ADP D . -13.22 12.83 1.40
O1A ADP D . -14.71 12.86 1.61
O2A ADP D . -12.51 14.09 1.00
O3A ADP D . -12.92 11.61 0.36
O5' ADP D . -12.57 12.31 2.75
C5' ADP D . -12.86 11.00 3.24
C4' ADP D . -11.90 10.74 4.39
O4' ADP D . -12.06 11.71 5.45
C3' ADP D . -12.19 9.37 5.01
O3' ADP D . -11.01 8.58 4.92
C2' ADP D . -12.58 9.69 6.43
O2' ADP D . -12.21 8.72 7.41
C1' ADP D . -11.94 11.03 6.70
N9 ADP D . -12.76 11.73 7.70
C8 ADP D . -14.08 11.92 7.57
N7 ADP D . -14.57 12.59 8.65
C5 ADP D . -13.55 12.82 9.50
C6 ADP D . -13.39 13.47 10.82
N6 ADP D . -14.49 14.01 11.41
N1 ADP D . -12.16 13.50 11.38
C2 ADP D . -11.09 12.95 10.75
N3 ADP D . -11.16 12.33 9.55
C4 ADP D . -12.34 12.23 8.87
MG MG E . -12.76 14.33 -2.87
C ACT F . 0.59 16.76 17.66
O ACT F . 0.58 17.93 18.12
OXT ACT F . -0.42 16.44 17.00
CH3 ACT F . 1.71 15.79 17.88
H1 ACT F . 2.49 16.26 18.50
H2 ACT F . 2.14 15.49 16.93
H3 ACT F . 1.33 14.91 18.41
C ACT G . -9.55 25.66 -13.09
O ACT G . -10.53 25.31 -13.77
OXT ACT G . -8.43 25.63 -13.65
CH3 ACT G . -9.70 26.09 -11.65
H1 ACT G . -10.74 26.05 -11.36
H2 ACT G . -9.12 25.44 -11.00
H3 ACT G . -9.34 27.13 -11.54
CL CL H . -16.46 19.47 6.64
CL CL I . -16.31 10.38 5.39
PB ADP J . 12.16 -14.63 4.40
O1B ADP J . 11.86 -15.07 5.81
O2B ADP J . 12.08 -13.13 4.18
O3B ADP J . 13.39 -15.23 3.79
PA ADP J . 10.91 -16.71 2.90
O1A ADP J . 11.10 -17.66 4.05
O2A ADP J . 11.77 -16.81 1.65
O3A ADP J . 10.94 -15.22 3.53
O5' ADP J . 9.37 -16.89 2.45
C5' ADP J . 8.31 -16.47 3.31
C4' ADP J . 7.04 -16.48 2.46
O4' ADP J . 6.90 -17.70 1.74
C3' ADP J . 5.75 -16.33 3.25
O3' ADP J . 5.33 -14.99 3.13
C2' ADP J . 4.73 -17.19 2.53
O2' ADP J . 3.90 -16.33 1.74
C1' ADP J . 5.53 -18.05 1.58
N9 ADP J . 5.33 -19.49 1.86
C8 ADP J . 5.75 -20.16 2.93
N7 ADP J . 5.40 -21.47 2.87
C5 ADP J . 4.72 -21.64 1.70
C6 ADP J . 4.05 -22.77 1.00
N6 ADP J . 4.04 -24.01 1.53
N1 ADP J . 3.45 -22.51 -0.19
C2 ADP J . 3.46 -21.28 -0.74
N3 ADP J . 4.05 -20.21 -0.14
C4 ADP J . 4.68 -20.33 1.05
MG MG K . 15.08 -14.81 2.47
C ACT L . 11.52 -25.33 0.77
O ACT L . 12.72 -25.03 0.60
OXT ACT L . 10.97 -25.79 -0.25
CH3 ACT L . 10.81 -25.16 2.08
H1 ACT L . 11.51 -24.73 2.81
H2 ACT L . 10.45 -26.12 2.44
H3 ACT L . 9.96 -24.48 1.96
N NH4 M . 6.93 -19.25 5.87
HN1 NH4 M . 7.73 -19.82 5.85
HN2 NH4 M . 7.03 -18.57 6.57
HN3 NH4 M . 6.82 -18.81 5.00
HN4 NH4 M . 6.15 -19.80 6.06
#